data_7Q8I
#
_entry.id   7Q8I
#
_cell.length_a   93.48
_cell.length_b   93.48
_cell.length_c   125.87
_cell.angle_alpha   90.00
_cell.angle_beta   90.00
_cell.angle_gamma   90.00
#
_symmetry.space_group_name_H-M   'P 43 21 2'
#
loop_
_entity.id
_entity.type
_entity.pdbx_description
1 polymer 'Cathepsin L2'
2 polymer 'AVAEKQ peptide'
3 non-polymer 'CHLORIDE ION'
4 non-polymer (4S)-2-METHYL-2,4-PENTANEDIOL
5 non-polymer 'SODIUM ION'
6 water water
#
loop_
_entity_poly.entity_id
_entity_poly.type
_entity_poly.pdbx_seq_one_letter_code
_entity_poly.pdbx_strand_id
1 'polypeptide(L)'
;DLPKSVDWRKKGYVTPVKNQKQCGSSWAFSATGALEGQMFRKTGKLVSLSEQNLVDCSRPQGNQGCNGGFMARAFQYVKE
NGGLDSEESYPYVAVDEICKYRPENSVAQDTGFTVVAPGKEKALMKAVATVGPISVAMDAGHSSFQFYKSGIYFEPDCSS
KNLDHGVLVVGYGFEGANSQNSKYWLVKNSWGPEWGSNGYVKIAKDKNNHCGIATAASYPNV
;
AA,BA
2 'polypeptide(L)' AVAEKQ PA,PB
#
loop_
_chem_comp.id
_chem_comp.type
_chem_comp.name
_chem_comp.formula
CL non-polymer 'CHLORIDE ION' 'Cl -1'
MPD non-polymer (4S)-2-METHYL-2,4-PENTANEDIOL 'C6 H14 O2'
NA non-polymer 'SODIUM ION' 'Na 1'
#
# COMPACT_ATOMS: atom_id res chain seq x y z
N ASP A 1 10.36 -24.49 -2.82
CA ASP A 1 9.42 -24.25 -1.72
C ASP A 1 9.13 -22.81 -1.61
N LEU A 2 8.13 -22.39 -2.32
CA LEU A 2 7.83 -20.96 -2.30
C LEU A 2 6.74 -20.61 -1.35
N PRO A 3 6.70 -19.40 -0.86
CA PRO A 3 5.64 -18.99 0.07
C PRO A 3 4.26 -19.07 -0.59
N LYS A 4 3.20 -19.23 0.20
CA LYS A 4 1.85 -19.30 -0.33
C LYS A 4 1.37 -17.92 -0.78
N SER A 5 1.98 -16.89 -0.23
CA SER A 5 1.62 -15.52 -0.64
C SER A 5 2.81 -14.66 -0.39
N VAL A 6 2.92 -13.59 -1.18
CA VAL A 6 4.00 -12.59 -1.08
C VAL A 6 3.45 -11.21 -1.27
N ASP A 7 3.96 -10.25 -0.51
CA ASP A 7 3.58 -8.85 -0.73
C ASP A 7 4.75 -7.96 -0.36
N TRP A 8 5.51 -7.55 -1.41
CA TRP A 8 6.67 -6.66 -1.09
C TRP A 8 6.33 -5.29 -0.55
N ARG A 9 5.09 -4.83 -0.73
CA ARG A 9 4.73 -3.53 -0.19
C ARG A 9 4.82 -3.54 1.31
N LYS A 10 4.58 -4.73 1.86
CA LYS A 10 4.59 -4.89 3.35
C LYS A 10 5.99 -5.04 3.96
N LYS A 11 7.05 -5.04 3.11
CA LYS A 11 8.41 -5.13 3.56
C LYS A 11 9.22 -3.86 3.22
N GLY A 12 8.54 -2.87 2.63
CA GLY A 12 9.22 -1.60 2.39
C GLY A 12 9.86 -1.41 1.04
N TYR A 13 9.63 -2.34 0.15
CA TYR A 13 10.26 -2.28 -1.19
C TYR A 13 9.56 -1.44 -2.23
N VAL A 14 8.38 -0.91 -1.94
CA VAL A 14 7.58 -0.28 -3.00
C VAL A 14 7.21 1.15 -2.69
N THR A 15 7.47 2.07 -3.64
CA THR A 15 7.13 3.45 -3.44
C THR A 15 5.64 3.71 -3.64
N PRO A 16 5.09 4.84 -3.20
CA PRO A 16 3.66 5.13 -3.39
C PRO A 16 3.35 5.14 -4.89
N VAL A 17 2.09 4.92 -5.23
CA VAL A 17 1.70 4.88 -6.63
C VAL A 17 1.87 6.17 -7.36
N LYS A 18 2.42 6.04 -8.58
CA LYS A 18 2.73 7.22 -9.42
C LYS A 18 1.77 7.32 -10.56
N ASN A 19 1.89 8.38 -11.35
CA ASN A 19 0.92 8.58 -12.42
C ASN A 19 1.61 9.03 -13.70
N GLN A 20 1.55 8.21 -14.73
CA GLN A 20 2.21 8.51 -16.01
C GLN A 20 1.47 9.54 -16.81
N LYS A 21 0.24 9.84 -16.45
CA LYS A 21 -0.62 10.79 -17.16
C LYS A 21 -0.68 10.48 -18.66
N GLN A 22 -0.76 11.51 -19.51
CA GLN A 22 -0.97 11.22 -20.93
C GLN A 22 0.34 11.13 -21.66
N CYS A 23 1.07 10.05 -21.40
CA CYS A 23 2.37 9.78 -21.99
C CYS A 23 2.50 8.28 -22.01
N GLY A 24 3.00 7.67 -23.10
CA GLY A 24 3.15 6.22 -23.23
C GLY A 24 4.40 5.74 -22.53
N SER A 25 4.47 6.01 -21.20
CA SER A 25 5.67 5.69 -20.47
C SER A 25 5.46 4.63 -19.38
N SER A 26 4.44 3.76 -19.51
CA SER A 26 4.26 2.74 -18.47
C SER A 26 5.50 1.87 -18.33
N TRP A 27 6.23 1.60 -19.43
CA TRP A 27 7.45 0.86 -19.34
C TRP A 27 8.49 1.53 -18.38
N ALA A 28 8.51 2.87 -18.33
CA ALA A 28 9.48 3.54 -17.46
C ALA A 28 9.11 3.42 -16.01
N PHE A 29 7.79 3.50 -15.72
CA PHE A 29 7.33 3.28 -14.35
C PHE A 29 7.51 1.86 -13.89
N SER A 30 7.29 0.87 -14.79
CA SER A 30 7.53 -0.52 -14.39
C SER A 30 9.04 -0.73 -14.09
N ALA A 31 9.91 -0.12 -14.93
CA ALA A 31 11.35 -0.27 -14.72
C ALA A 31 11.80 0.47 -13.42
N THR A 32 11.35 1.70 -13.15
CA THR A 32 11.77 2.32 -11.91
C THR A 32 11.22 1.55 -10.71
N GLY A 33 10.02 0.95 -10.86
CA GLY A 33 9.48 0.21 -9.71
C GLY A 33 10.37 -0.96 -9.40
N ALA A 34 10.79 -1.71 -10.44
CA ALA A 34 11.65 -2.85 -10.18
C ALA A 34 13.03 -2.45 -9.60
N LEU A 35 13.59 -1.35 -10.13
CA LEU A 35 14.90 -0.91 -9.62
C LEU A 35 14.77 -0.36 -8.22
N GLU A 36 13.65 0.29 -7.92
CA GLU A 36 13.43 0.78 -6.55
C GLU A 36 13.47 -0.37 -5.59
N GLY A 37 12.85 -1.50 -5.97
CA GLY A 37 12.83 -2.61 -5.00
C GLY A 37 14.21 -3.25 -4.88
N GLN A 38 14.96 -3.36 -6.00
CA GLN A 38 16.30 -3.93 -5.88
C GLN A 38 17.24 -3.02 -5.15
N MET A 39 17.13 -1.72 -5.37
CA MET A 39 18.02 -0.86 -4.58
C MET A 39 17.66 -0.90 -3.12
N PHE A 40 16.38 -1.04 -2.81
CA PHE A 40 16.02 -1.16 -1.39
C PHE A 40 16.57 -2.46 -0.80
N ARG A 41 16.48 -3.51 -1.52
CA ARG A 41 17.03 -4.79 -1.04
C ARG A 41 18.52 -4.72 -0.81
N LYS A 42 19.20 -3.90 -1.60
CA LYS A 42 20.64 -3.74 -1.47
C LYS A 42 21.06 -2.75 -0.38
N THR A 43 20.34 -1.67 -0.20
CA THR A 43 20.80 -0.68 0.75
C THR A 43 19.92 -0.40 1.96
N GLY A 44 18.68 -0.87 1.93
CA GLY A 44 17.76 -0.59 3.02
C GLY A 44 17.17 0.79 2.88
N LYS A 45 17.40 1.50 1.73
CA LYS A 45 16.80 2.83 1.60
C LYS A 45 15.84 2.84 0.40
N LEU A 46 14.65 3.37 0.61
CA LEU A 46 13.64 3.43 -0.48
C LEU A 46 13.70 4.80 -1.12
N VAL A 47 14.19 4.88 -2.40
CA VAL A 47 14.32 6.18 -3.01
C VAL A 47 13.56 6.20 -4.32
N SER A 48 12.68 7.18 -4.51
CA SER A 48 11.93 7.23 -5.74
C SER A 48 12.82 7.59 -6.94
N LEU A 49 12.74 6.80 -8.00
CA LEU A 49 13.60 6.99 -9.18
C LEU A 49 12.93 7.73 -10.30
N SER A 50 13.79 8.30 -11.22
CA SER A 50 13.26 9.15 -12.27
C SER A 50 12.79 8.47 -13.56
N GLU A 51 11.46 8.40 -13.74
CA GLU A 51 10.97 7.93 -15.01
C GLU A 51 11.31 8.88 -16.16
N GLN A 52 11.36 10.20 -15.86
CA GLN A 52 11.66 11.15 -16.92
C GLN A 52 13.08 10.96 -17.43
N ASN A 53 14.00 10.58 -16.54
CA ASN A 53 15.40 10.31 -17.00
C ASN A 53 15.37 9.19 -18.05
N LEU A 54 14.51 8.16 -17.79
CA LEU A 54 14.43 7.10 -18.76
C LEU A 54 13.74 7.53 -20.04
N VAL A 55 12.66 8.27 -19.91
CA VAL A 55 11.95 8.77 -21.12
C VAL A 55 12.87 9.61 -22.00
N ASP A 56 13.56 10.53 -21.39
CA ASP A 56 14.39 11.43 -22.18
C ASP A 56 15.68 10.89 -22.70
N CYS A 57 16.26 9.91 -22.00
CA CYS A 57 17.63 9.50 -22.35
C CYS A 57 17.85 8.13 -22.92
N SER A 58 16.86 7.26 -22.95
CA SER A 58 17.16 5.88 -23.34
C SER A 58 16.80 5.53 -24.77
N ARG A 59 16.71 6.53 -25.65
CA ARG A 59 16.48 6.19 -27.07
C ARG A 59 17.66 5.40 -27.67
N PRO A 60 18.92 5.63 -27.26
CA PRO A 60 20.00 4.85 -27.87
C PRO A 60 19.82 3.37 -27.69
N GLN A 61 19.15 2.98 -26.59
CA GLN A 61 18.91 1.60 -26.28
C GLN A 61 17.66 1.12 -26.91
N GLY A 62 16.96 1.94 -27.67
CA GLY A 62 15.77 1.41 -28.32
C GLY A 62 14.42 1.83 -27.77
N ASN A 63 14.40 2.61 -26.67
CA ASN A 63 13.10 3.07 -26.15
C ASN A 63 12.62 4.29 -26.94
N GLN A 64 11.32 4.60 -26.91
CA GLN A 64 10.80 5.71 -27.63
C GLN A 64 10.00 6.66 -26.76
N GLY A 65 10.48 6.87 -25.51
CA GLY A 65 9.83 7.88 -24.71
C GLY A 65 8.36 7.75 -24.48
N CYS A 66 7.60 8.84 -24.76
CA CYS A 66 6.15 8.85 -24.56
C CYS A 66 5.44 8.08 -25.65
N ASN A 67 6.18 7.53 -26.61
CA ASN A 67 5.59 6.73 -27.66
C ASN A 67 5.77 5.26 -27.38
N GLY A 68 6.38 4.90 -26.24
CA GLY A 68 6.50 3.47 -25.95
C GLY A 68 7.89 3.07 -25.60
N GLY A 69 8.07 1.83 -25.07
CA GLY A 69 9.41 1.44 -24.67
C GLY A 69 9.38 0.10 -23.99
N PHE A 70 10.47 -0.34 -23.47
CA PHE A 70 10.54 -1.70 -22.87
C PHE A 70 11.39 -1.65 -21.63
N MET A 71 10.94 -2.36 -20.58
CA MET A 71 11.69 -2.36 -19.34
C MET A 71 13.10 -2.89 -19.50
N ALA A 72 13.32 -3.95 -20.32
CA ALA A 72 14.69 -4.40 -20.50
C ALA A 72 15.59 -3.32 -21.11
N ARG A 73 15.06 -2.56 -22.04
CA ARG A 73 15.90 -1.51 -22.66
C ARG A 73 16.20 -0.45 -21.59
N ALA A 74 15.27 -0.23 -20.64
CA ALA A 74 15.58 0.71 -19.55
C ALA A 74 16.67 0.19 -18.66
N PHE A 75 16.63 -1.14 -18.30
CA PHE A 75 17.71 -1.60 -17.43
C PHE A 75 19.06 -1.59 -18.22
N GLN A 76 19.01 -1.80 -19.57
CA GLN A 76 20.21 -1.71 -20.38
C GLN A 76 20.76 -0.27 -20.35
N TYR A 77 19.89 0.73 -20.43
CA TYR A 77 20.31 2.11 -20.35
C TYR A 77 20.99 2.41 -19.03
N VAL A 78 20.34 2.02 -17.90
CA VAL A 78 20.96 2.28 -16.61
C VAL A 78 22.35 1.69 -16.51
N LYS A 79 22.53 0.48 -17.04
CA LYS A 79 23.85 -0.14 -16.99
C LYS A 79 24.86 0.62 -17.84
N GLU A 80 24.50 0.87 -19.07
CA GLU A 80 25.45 1.61 -19.96
C GLU A 80 25.74 3.02 -19.56
N ASN A 81 24.79 3.68 -18.93
CA ASN A 81 24.92 5.02 -18.45
C ASN A 81 25.68 5.20 -17.14
N GLY A 82 25.76 4.15 -16.32
CA GLY A 82 26.46 4.22 -15.05
C GLY A 82 25.58 4.71 -13.91
N GLY A 83 24.27 4.96 -14.22
CA GLY A 83 23.41 5.45 -13.11
C GLY A 83 22.03 5.87 -13.57
N LEU A 84 21.19 6.34 -12.61
CA LEU A 84 19.85 6.85 -12.88
C LEU A 84 19.55 7.88 -11.78
N ASP A 85 19.01 9.00 -12.17
CA ASP A 85 18.73 10.03 -11.21
C ASP A 85 17.49 9.75 -10.38
N SER A 86 17.44 10.38 -9.22
CA SER A 86 16.23 10.33 -8.36
C SER A 86 15.05 11.13 -9.00
N GLU A 87 13.81 10.80 -8.63
CA GLU A 87 12.64 11.47 -9.08
C GLU A 87 12.71 12.88 -8.62
N GLU A 88 13.26 13.08 -7.43
CA GLU A 88 13.35 14.44 -6.92
C GLU A 88 14.28 15.32 -7.75
N SER A 89 15.37 14.80 -8.22
CA SER A 89 16.27 15.63 -8.98
C SER A 89 15.95 15.75 -10.45
N TYR A 90 15.16 14.82 -11.00
CA TYR A 90 14.84 14.80 -12.45
C TYR A 90 13.36 14.50 -12.49
N PRO A 91 12.53 15.48 -12.23
CA PRO A 91 11.08 15.30 -12.18
C PRO A 91 10.35 14.93 -13.42
N TYR A 92 9.18 14.28 -13.17
CA TYR A 92 8.36 13.84 -14.30
C TYR A 92 7.43 14.88 -14.83
N VAL A 93 7.43 15.09 -16.17
CA VAL A 93 6.57 16.08 -16.75
C VAL A 93 5.70 15.48 -17.86
N ALA A 94 5.78 14.16 -18.08
CA ALA A 94 4.87 13.48 -19.00
C ALA A 94 4.92 13.92 -20.46
N VAL A 95 6.08 14.39 -20.92
CA VAL A 95 6.30 14.72 -22.33
C VAL A 95 7.76 14.45 -22.62
N ASP A 96 8.12 14.15 -23.89
CA ASP A 96 9.53 13.94 -24.21
C ASP A 96 10.28 15.25 -24.15
N GLU A 97 11.43 15.27 -23.44
CA GLU A 97 12.24 16.50 -23.33
C GLU A 97 13.69 16.17 -23.57
N ILE A 98 14.54 17.18 -23.56
CA ILE A 98 15.98 16.94 -23.74
C ILE A 98 16.57 16.18 -22.57
N CYS A 99 17.41 15.20 -22.88
CA CYS A 99 18.08 14.48 -21.82
C CYS A 99 18.95 15.39 -20.96
N LYS A 100 18.67 15.39 -19.63
CA LYS A 100 19.38 16.22 -18.62
C LYS A 100 19.93 15.29 -17.51
N TYR A 101 20.46 14.11 -17.92
CA TYR A 101 21.02 13.25 -16.89
C TYR A 101 22.21 13.87 -16.24
N ARG A 102 22.22 13.82 -14.90
CA ARG A 102 23.29 14.35 -14.08
C ARG A 102 23.85 13.29 -13.23
N PRO A 103 25.08 12.88 -13.47
CA PRO A 103 25.65 11.81 -12.66
C PRO A 103 25.74 12.04 -11.20
N GLU A 104 25.92 13.32 -10.82
CA GLU A 104 26.03 13.65 -9.41
C GLU A 104 24.73 13.40 -8.65
N ASN A 105 23.63 13.25 -9.41
CA ASN A 105 22.33 13.00 -8.79
C ASN A 105 21.92 11.56 -8.89
N SER A 106 22.79 10.73 -9.38
CA SER A 106 22.42 9.29 -9.52
C SER A 106 22.25 8.63 -8.16
N VAL A 107 21.20 7.77 -8.01
CA VAL A 107 20.96 7.07 -6.75
C VAL A 107 20.75 5.61 -7.02
N ALA A 108 20.96 5.19 -8.25
CA ALA A 108 20.81 3.76 -8.57
C ALA A 108 21.71 3.34 -9.69
N GLN A 109 22.02 2.02 -9.71
CA GLN A 109 22.85 1.40 -10.73
C GLN A 109 22.41 -0.01 -10.96
N ASP A 110 22.70 -0.54 -12.14
CA ASP A 110 22.47 -1.97 -12.35
C ASP A 110 23.57 -2.51 -13.26
N THR A 111 23.74 -3.81 -13.23
CA THR A 111 24.79 -4.47 -14.01
C THR A 111 24.23 -5.20 -15.21
N GLY A 112 22.95 -5.02 -15.48
CA GLY A 112 22.33 -5.86 -16.50
C GLY A 112 20.95 -6.23 -15.99
N PHE A 113 20.37 -7.28 -16.54
CA PHE A 113 19.02 -7.64 -16.13
C PHE A 113 18.81 -9.12 -16.36
N THR A 114 17.77 -9.71 -15.72
CA THR A 114 17.44 -11.11 -15.84
C THR A 114 16.12 -11.25 -16.50
N VAL A 115 16.04 -12.12 -17.45
CA VAL A 115 14.76 -12.40 -18.13
C VAL A 115 14.10 -13.62 -17.48
N VAL A 116 12.85 -13.49 -17.10
CA VAL A 116 12.10 -14.65 -16.58
C VAL A 116 11.63 -15.53 -17.75
N ALA A 117 11.63 -16.89 -17.56
CA ALA A 117 11.22 -17.77 -18.68
C ALA A 117 9.94 -17.31 -19.30
N PRO A 118 9.96 -17.00 -20.62
CA PRO A 118 8.74 -16.53 -21.27
C PRO A 118 7.53 -17.46 -21.14
N GLY A 119 6.38 -16.90 -20.77
CA GLY A 119 5.15 -17.70 -20.70
C GLY A 119 4.98 -18.54 -19.44
N LYS A 120 5.96 -18.57 -18.58
CA LYS A 120 5.94 -19.42 -17.41
C LYS A 120 5.58 -18.78 -16.11
N GLU A 121 4.30 -18.94 -15.71
CA GLU A 121 3.87 -18.36 -14.43
C GLU A 121 4.56 -18.93 -13.25
N LYS A 122 5.02 -20.21 -13.29
CA LYS A 122 5.76 -20.70 -12.12
C LYS A 122 7.17 -20.08 -12.01
N ALA A 123 7.80 -19.70 -13.17
CA ALA A 123 9.09 -19.01 -13.11
C ALA A 123 8.85 -17.65 -12.57
N LEU A 124 7.72 -17.02 -12.97
CA LEU A 124 7.43 -15.68 -12.44
C LEU A 124 7.18 -15.74 -10.94
N MET A 125 6.44 -16.74 -10.50
CA MET A 125 6.17 -16.83 -9.07
C MET A 125 7.50 -16.96 -8.29
N LYS A 126 8.44 -17.81 -8.83
CA LYS A 126 9.73 -17.97 -8.15
C LYS A 126 10.52 -16.68 -8.12
N ALA A 127 10.46 -15.92 -9.22
CA ALA A 127 11.18 -14.64 -9.21
C ALA A 127 10.57 -13.68 -8.21
N VAL A 128 9.24 -13.62 -8.18
CA VAL A 128 8.61 -12.69 -7.22
C VAL A 128 8.96 -13.09 -5.78
N ALA A 129 8.92 -14.42 -5.50
CA ALA A 129 9.24 -14.84 -4.13
C ALA A 129 10.68 -14.63 -3.68
N THR A 130 11.61 -14.74 -4.61
CA THR A 130 13.01 -14.76 -4.22
C THR A 130 13.75 -13.51 -4.50
N VAL A 131 13.19 -12.63 -5.39
CA VAL A 131 13.96 -11.43 -5.79
C VAL A 131 13.39 -10.14 -5.27
N GLY A 132 12.10 -9.96 -5.46
CA GLY A 132 11.45 -8.71 -5.15
C GLY A 132 10.45 -8.41 -6.26
N PRO A 133 9.98 -7.17 -6.35
CA PRO A 133 9.02 -6.79 -7.40
C PRO A 133 9.61 -7.04 -8.76
N ILE A 134 8.77 -7.49 -9.71
CA ILE A 134 9.24 -7.88 -11.05
C ILE A 134 8.47 -7.10 -12.11
N SER A 135 9.23 -6.55 -13.09
CA SER A 135 8.61 -5.84 -14.22
C SER A 135 7.94 -6.80 -15.19
N VAL A 136 6.71 -6.54 -15.56
CA VAL A 136 6.01 -7.41 -16.51
C VAL A 136 5.23 -6.61 -17.51
N ALA A 137 5.00 -7.20 -18.68
CA ALA A 137 4.13 -6.61 -19.68
C ALA A 137 2.77 -7.32 -19.60
N MET A 138 1.74 -6.64 -20.00
CA MET A 138 0.39 -7.20 -20.01
C MET A 138 -0.47 -6.55 -21.04
N ASP A 139 -1.57 -7.21 -21.34
CA ASP A 139 -2.57 -6.60 -22.24
C ASP A 139 -3.57 -5.82 -21.37
N ALA A 140 -3.46 -4.46 -21.33
CA ALA A 140 -4.38 -3.62 -20.57
C ALA A 140 -5.41 -2.93 -21.50
N GLY A 141 -5.49 -3.37 -22.75
CA GLY A 141 -6.34 -2.68 -23.75
C GLY A 141 -7.80 -3.00 -23.66
N HIS A 142 -8.38 -2.78 -22.49
CA HIS A 142 -9.80 -3.14 -22.27
C HIS A 142 -10.54 -2.20 -21.37
N SER A 143 -11.80 -1.87 -21.72
CA SER A 143 -12.57 -1.04 -20.87
C SER A 143 -12.69 -1.62 -19.49
N SER A 144 -12.69 -2.97 -19.36
CA SER A 144 -12.84 -3.54 -18.02
C SER A 144 -11.63 -3.21 -17.13
N PHE A 145 -10.47 -3.03 -17.76
CA PHE A 145 -9.26 -2.67 -17.02
C PHE A 145 -9.28 -1.21 -16.68
N GLN A 146 -9.69 -0.36 -17.65
CA GLN A 146 -9.79 1.07 -17.32
C GLN A 146 -10.69 1.32 -16.14
N PHE A 147 -11.82 0.59 -16.07
CA PHE A 147 -12.72 0.86 -14.93
C PHE A 147 -12.68 -0.18 -13.84
N TYR A 148 -11.56 -0.90 -13.73
CA TYR A 148 -11.42 -1.87 -12.69
C TYR A 148 -11.54 -1.23 -11.32
N LYS A 149 -12.22 -1.87 -10.42
CA LYS A 149 -12.37 -1.31 -9.09
C LYS A 149 -11.87 -2.23 -8.01
N SER A 150 -12.25 -3.52 -8.03
CA SER A 150 -11.77 -4.42 -6.99
C SER A 150 -11.98 -5.81 -7.32
N GLY A 151 -11.38 -6.72 -6.57
CA GLY A 151 -11.58 -8.14 -6.86
C GLY A 151 -10.55 -8.70 -7.80
N ILE A 152 -10.70 -9.98 -8.21
CA ILE A 152 -9.72 -10.59 -9.07
C ILE A 152 -10.09 -10.29 -10.47
N TYR A 153 -9.17 -9.63 -11.18
CA TYR A 153 -9.49 -9.29 -12.58
C TYR A 153 -9.34 -10.47 -13.52
N PHE A 154 -10.43 -10.69 -14.33
CA PHE A 154 -10.36 -11.77 -15.33
C PHE A 154 -11.13 -11.24 -16.49
N GLU A 155 -10.47 -11.13 -17.63
CA GLU A 155 -11.12 -10.60 -18.82
C GLU A 155 -10.93 -11.54 -19.99
N PRO A 156 -12.02 -12.16 -20.48
CA PRO A 156 -11.86 -13.06 -21.63
C PRO A 156 -11.29 -12.48 -22.83
N ASP A 157 -11.44 -11.14 -23.03
CA ASP A 157 -10.84 -10.57 -24.25
C ASP A 157 -9.34 -10.42 -24.14
N CYS A 158 -8.76 -10.76 -22.94
CA CYS A 158 -7.30 -10.57 -22.79
C CYS A 158 -6.43 -11.46 -23.67
N SER A 159 -5.38 -10.86 -24.26
CA SER A 159 -4.40 -11.63 -25.00
C SER A 159 -3.20 -11.95 -24.13
N SER A 160 -2.61 -13.15 -24.29
CA SER A 160 -1.36 -13.50 -23.58
C SER A 160 -0.17 -13.19 -24.47
N LYS A 161 -0.43 -12.76 -25.72
CA LYS A 161 0.68 -12.49 -26.64
C LYS A 161 0.84 -11.05 -27.12
N ASN A 162 -0.22 -10.34 -27.33
CA ASN A 162 -0.14 -8.99 -27.90
C ASN A 162 -0.36 -8.03 -26.75
N LEU A 163 0.77 -7.55 -26.18
CA LEU A 163 0.77 -6.70 -24.98
C LEU A 163 1.01 -5.27 -25.23
N ASP A 164 0.46 -4.44 -24.33
CA ASP A 164 0.55 -3.00 -24.54
C ASP A 164 0.82 -2.18 -23.30
N HIS A 165 1.22 -2.83 -22.21
CA HIS A 165 1.30 -2.02 -20.98
C HIS A 165 2.30 -2.61 -20.03
N GLY A 166 3.19 -1.77 -19.44
CA GLY A 166 4.21 -2.26 -18.53
C GLY A 166 3.76 -1.98 -17.11
N VAL A 167 3.79 -3.03 -16.25
CA VAL A 167 3.37 -2.84 -14.86
C VAL A 167 4.40 -3.61 -13.92
N LEU A 168 4.11 -3.66 -12.63
CA LEU A 168 5.05 -4.25 -11.65
C LEU A 168 4.33 -5.26 -10.78
N VAL A 169 4.81 -6.50 -10.78
CA VAL A 169 4.21 -7.53 -9.90
C VAL A 169 4.94 -7.38 -8.56
N VAL A 170 4.16 -6.97 -7.51
CA VAL A 170 4.72 -6.75 -6.18
C VAL A 170 4.39 -7.93 -5.25
N GLY A 171 3.65 -8.95 -5.76
CA GLY A 171 3.36 -10.08 -4.86
C GLY A 171 2.35 -11.00 -5.52
N TYR A 172 1.82 -11.92 -4.70
CA TYR A 172 0.78 -12.83 -5.20
C TYR A 172 0.05 -13.36 -4.01
N GLY A 173 -1.14 -13.88 -4.21
CA GLY A 173 -1.95 -14.24 -3.04
C GLY A 173 -3.04 -15.21 -3.43
N PHE A 174 -3.95 -15.40 -2.49
CA PHE A 174 -5.09 -16.32 -2.66
C PHE A 174 -6.15 -15.89 -1.67
N GLU A 175 -7.34 -16.47 -1.80
CA GLU A 175 -8.40 -16.15 -0.84
C GLU A 175 -8.79 -17.38 -0.04
N GLY A 176 -9.20 -17.13 1.20
CA GLY A 176 -9.57 -18.25 2.06
C GLY A 176 -8.37 -18.99 2.61
N ALA A 177 -8.61 -20.18 3.12
CA ALA A 177 -7.58 -20.99 3.73
C ALA A 177 -6.73 -21.79 2.75
N ASN A 178 -7.24 -22.06 1.56
CA ASN A 178 -6.51 -22.90 0.64
C ASN A 178 -5.69 -22.03 -0.26
N SER A 179 -4.38 -22.27 -0.27
CA SER A 179 -3.47 -21.48 -1.03
C SER A 179 -3.69 -21.60 -2.50
N GLN A 180 -4.50 -22.57 -2.92
CA GLN A 180 -4.77 -22.68 -4.35
C GLN A 180 -6.13 -22.14 -4.73
N ASN A 181 -6.80 -21.51 -3.79
CA ASN A 181 -8.14 -21.00 -4.08
C ASN A 181 -8.08 -19.60 -4.56
N SER A 182 -8.63 -19.29 -5.72
CA SER A 182 -8.66 -17.92 -6.20
C SER A 182 -7.33 -17.21 -6.16
N LYS A 183 -6.36 -17.76 -6.85
CA LYS A 183 -5.02 -17.16 -6.81
C LYS A 183 -4.97 -15.87 -7.64
N TYR A 184 -4.10 -14.96 -7.24
CA TYR A 184 -3.95 -13.71 -8.00
C TYR A 184 -2.53 -13.14 -7.86
N TRP A 185 -2.18 -12.31 -8.85
CA TRP A 185 -0.91 -11.57 -8.86
C TRP A 185 -1.24 -10.24 -8.32
N LEU A 186 -0.40 -9.62 -7.48
CA LEU A 186 -0.65 -8.27 -6.99
C LEU A 186 0.16 -7.37 -7.92
N VAL A 187 -0.55 -6.46 -8.60
CA VAL A 187 0.10 -5.64 -9.63
C VAL A 187 -0.04 -4.18 -9.35
N LYS A 188 1.11 -3.46 -9.35
CA LYS A 188 1.13 -2.01 -9.19
C LYS A 188 1.00 -1.37 -10.60
N ASN A 189 0.04 -0.45 -10.75
CA ASN A 189 -0.10 0.28 -12.01
C ASN A 189 0.46 1.69 -11.86
N SER A 190 0.46 2.46 -12.95
CA SER A 190 1.00 3.80 -12.92
C SER A 190 0.01 4.78 -13.45
N TRP A 191 -1.26 4.62 -13.02
CA TRP A 191 -2.35 5.53 -13.43
C TRP A 191 -2.84 6.31 -12.20
N GLY A 192 -2.00 6.45 -11.18
CA GLY A 192 -2.43 7.18 -9.99
C GLY A 192 -3.08 6.29 -8.97
N PRO A 193 -3.03 6.67 -7.70
CA PRO A 193 -3.66 5.88 -6.63
C PRO A 193 -5.20 5.85 -6.76
N GLU A 194 -5.73 6.79 -7.51
CA GLU A 194 -7.14 6.82 -7.67
C GLU A 194 -7.66 5.74 -8.59
N TRP A 195 -6.82 5.23 -9.47
CA TRP A 195 -7.30 4.15 -10.33
C TRP A 195 -7.35 2.84 -9.58
N GLY A 196 -8.29 1.99 -9.93
CA GLY A 196 -8.30 0.65 -9.37
C GLY A 196 -8.37 0.59 -7.86
N SER A 197 -7.62 -0.35 -7.29
CA SER A 197 -7.63 -0.52 -5.83
C SER A 197 -6.44 0.21 -5.24
N ASN A 198 -6.63 1.52 -4.96
CA ASN A 198 -5.50 2.35 -4.45
C ASN A 198 -4.31 2.26 -5.42
N GLY A 199 -4.62 2.09 -6.70
CA GLY A 199 -3.56 2.04 -7.72
C GLY A 199 -3.09 0.68 -8.15
N TYR A 200 -3.59 -0.37 -7.50
CA TYR A 200 -3.24 -1.72 -7.75
C TYR A 200 -4.39 -2.50 -8.34
N VAL A 201 -4.05 -3.68 -8.83
CA VAL A 201 -5.05 -4.61 -9.36
C VAL A 201 -4.60 -6.02 -9.06
N LYS A 202 -5.57 -6.90 -8.73
CA LYS A 202 -5.29 -8.33 -8.56
C LYS A 202 -5.62 -8.97 -9.88
N ILE A 203 -4.65 -9.65 -10.53
CA ILE A 203 -4.92 -10.31 -11.81
C ILE A 203 -4.95 -11.77 -11.59
N ALA A 204 -5.94 -12.49 -12.22
CA ALA A 204 -6.00 -13.94 -12.03
C ALA A 204 -4.68 -14.59 -12.32
N LYS A 205 -4.30 -15.49 -11.40
CA LYS A 205 -3.04 -16.21 -11.45
C LYS A 205 -3.25 -17.67 -11.70
N ASP A 206 -2.35 -18.20 -12.48
CA ASP A 206 -2.31 -19.64 -12.89
C ASP A 206 -3.54 -20.02 -13.70
N LYS A 207 -4.02 -19.05 -14.48
CA LYS A 207 -5.15 -19.23 -15.40
C LYS A 207 -4.64 -19.01 -16.83
N ASN A 208 -3.71 -19.87 -17.28
CA ASN A 208 -3.15 -19.84 -18.61
C ASN A 208 -2.47 -18.54 -18.94
N ASN A 209 -1.71 -17.99 -17.97
CA ASN A 209 -0.93 -16.74 -18.27
C ASN A 209 -1.85 -15.60 -18.66
N HIS A 210 -2.81 -15.33 -17.79
CA HIS A 210 -3.87 -14.38 -18.11
C HIS A 210 -3.31 -12.99 -18.38
N CYS A 211 -3.74 -12.41 -19.50
CA CYS A 211 -3.31 -11.09 -19.93
C CYS A 211 -1.85 -11.03 -20.20
N GLY A 212 -1.16 -12.15 -20.30
CA GLY A 212 0.25 -12.10 -20.67
C GLY A 212 1.20 -11.75 -19.55
N ILE A 213 0.74 -11.82 -18.29
CA ILE A 213 1.61 -11.38 -17.20
C ILE A 213 2.99 -12.03 -17.11
N ALA A 214 3.13 -13.31 -17.53
CA ALA A 214 4.41 -13.95 -17.48
C ALA A 214 5.07 -14.06 -18.88
N THR A 215 4.54 -13.34 -19.88
CA THR A 215 5.13 -13.43 -21.23
C THR A 215 6.48 -12.73 -21.39
N ALA A 216 6.65 -11.57 -20.74
CA ALA A 216 7.87 -10.76 -20.94
C ALA A 216 8.24 -10.08 -19.65
N ALA A 217 8.59 -10.89 -18.68
CA ALA A 217 8.94 -10.38 -17.33
C ALA A 217 10.45 -10.29 -17.19
N SER A 218 10.93 -9.30 -16.40
CA SER A 218 12.37 -9.13 -16.15
C SER A 218 12.59 -8.34 -14.89
N TYR A 219 13.85 -8.36 -14.42
CA TYR A 219 14.22 -7.54 -13.28
C TYR A 219 15.69 -7.13 -13.42
N PRO A 220 16.04 -5.96 -12.86
CA PRO A 220 17.44 -5.52 -12.94
C PRO A 220 18.37 -6.27 -11.99
N ASN A 221 19.65 -6.46 -12.37
CA ASN A 221 20.59 -7.08 -11.45
C ASN A 221 21.38 -5.97 -10.82
N VAL A 222 21.44 -5.93 -9.48
CA VAL A 222 22.15 -4.80 -8.88
C VAL A 222 23.35 -5.29 -8.08
N LEU B 2 -1.24 25.42 9.64
CA LEU B 2 -0.83 24.09 9.18
C LEU B 2 -1.38 23.83 7.77
N PRO B 3 -0.99 22.72 7.10
CA PRO B 3 -1.47 22.42 5.74
C PRO B 3 -2.98 22.24 5.57
N LYS B 4 -3.51 22.59 4.38
CA LYS B 4 -4.94 22.48 4.18
C LYS B 4 -5.33 21.04 3.92
N SER B 5 -4.33 20.23 3.63
CA SER B 5 -4.62 18.81 3.45
C SER B 5 -3.38 18.01 3.63
N VAL B 6 -3.56 16.74 4.04
CA VAL B 6 -2.43 15.87 4.33
C VAL B 6 -2.82 14.50 3.86
N ASP B 7 -1.85 13.75 3.31
CA ASP B 7 -2.13 12.37 2.94
C ASP B 7 -0.85 11.61 3.12
N TRP B 8 -0.72 10.91 4.26
CA TRP B 8 0.50 10.19 4.58
C TRP B 8 0.74 9.02 3.64
N ARG B 9 -0.31 8.57 2.91
CA ARG B 9 -0.05 7.45 1.98
C ARG B 9 0.96 7.85 0.89
N LYS B 10 0.88 9.12 0.56
CA LYS B 10 1.80 9.67 -0.50
C LYS B 10 3.21 9.74 -0.04
N LYS B 11 3.52 9.59 1.25
CA LYS B 11 4.86 9.71 1.74
C LYS B 11 5.49 8.41 2.27
N GLY B 12 4.82 7.22 2.05
CA GLY B 12 5.48 5.99 2.45
C GLY B 12 5.11 5.45 3.82
N TYR B 13 4.19 6.12 4.47
CA TYR B 13 3.90 5.69 5.86
C TYR B 13 2.84 4.64 6.06
N VAL B 14 2.15 4.27 4.98
CA VAL B 14 0.98 3.38 5.16
C VAL B 14 1.08 2.09 4.39
N THR B 15 0.88 0.97 5.09
CA THR B 15 0.86 -0.35 4.48
C THR B 15 -0.47 -0.56 3.74
N PRO B 16 -0.61 -1.57 2.90
CA PRO B 16 -1.84 -1.85 2.14
C PRO B 16 -3.01 -2.07 3.12
N VAL B 17 -4.23 -1.96 2.58
CA VAL B 17 -5.44 -2.20 3.37
C VAL B 17 -5.45 -3.65 3.78
N LYS B 18 -5.74 -3.91 5.02
CA LYS B 18 -5.78 -5.26 5.57
C LYS B 18 -7.23 -5.64 5.85
N ASN B 19 -7.45 -6.88 6.28
CA ASN B 19 -8.81 -7.36 6.51
C ASN B 19 -8.88 -8.22 7.80
N GLN B 20 -9.57 -7.66 8.82
CA GLN B 20 -9.75 -8.34 10.11
C GLN B 20 -10.67 -9.54 10.04
N LYS B 21 -11.45 -9.60 9.00
CA LYS B 21 -12.45 -10.65 8.79
C LYS B 21 -13.41 -10.71 10.01
N GLN B 22 -13.80 -11.91 10.48
N GLN B 22 -13.82 -11.89 10.38
CA GLN B 22 -14.88 -11.88 11.50
CA GLN B 22 -14.74 -12.01 11.48
C GLN B 22 -14.44 -11.66 12.92
C GLN B 22 -13.99 -12.20 12.76
N CYS B 23 -13.16 -11.54 13.09
N CYS B 23 -13.39 -11.18 13.20
CA CYS B 23 -12.58 -11.32 14.40
CA CYS B 23 -12.68 -11.20 14.48
C CYS B 23 -12.73 -9.85 14.87
C CYS B 23 -12.71 -9.82 14.94
N GLY B 24 -13.06 -9.61 16.19
CA GLY B 24 -13.24 -8.27 16.70
C GLY B 24 -11.91 -7.70 17.10
N SER B 25 -11.05 -7.52 16.05
CA SER B 25 -9.73 -7.05 16.24
C SER B 25 -9.46 -5.67 15.57
N SER B 26 -10.45 -4.83 15.37
CA SER B 26 -10.14 -3.56 14.72
C SER B 26 -9.13 -2.77 15.53
N TRP B 27 -9.19 -2.91 16.85
CA TRP B 27 -8.22 -2.21 17.72
C TRP B 27 -6.78 -2.58 17.36
N ALA B 28 -6.53 -3.83 17.00
CA ALA B 28 -5.20 -4.27 16.66
C ALA B 28 -4.76 -3.71 15.33
N PHE B 29 -5.64 -3.69 14.36
CA PHE B 29 -5.24 -3.12 13.06
C PHE B 29 -5.00 -1.61 13.19
N SER B 30 -5.83 -0.94 14.04
CA SER B 30 -5.61 0.52 14.20
C SER B 30 -4.25 0.72 14.87
N ALA B 31 -3.88 -0.14 15.86
CA ALA B 31 -2.59 0.06 16.55
C ALA B 31 -1.43 -0.23 15.67
N THR B 32 -1.50 -1.34 14.89
CA THR B 32 -0.34 -1.62 14.02
C THR B 32 -0.23 -0.50 12.96
N GLY B 33 -1.34 0.02 12.51
CA GLY B 33 -1.32 1.13 11.52
C GLY B 33 -0.51 2.29 12.04
N ALA B 34 -0.83 2.70 13.30
CA ALA B 34 -0.07 3.84 13.85
C ALA B 34 1.35 3.48 14.10
N LEU B 35 1.68 2.32 14.61
CA LEU B 35 3.06 1.94 14.87
C LEU B 35 3.84 1.78 13.55
N GLU B 36 3.15 1.33 12.48
CA GLU B 36 3.84 1.21 11.19
C GLU B 36 4.26 2.58 10.72
N GLY B 37 3.41 3.55 10.93
CA GLY B 37 3.73 4.92 10.48
C GLY B 37 4.87 5.51 11.27
N GLN B 38 4.88 5.23 12.59
CA GLN B 38 5.95 5.81 13.42
C GLN B 38 7.25 5.13 13.25
N MET B 39 7.24 3.80 12.97
CA MET B 39 8.50 3.10 12.74
C MET B 39 9.06 3.55 11.39
N PHE B 40 8.16 3.88 10.43
CA PHE B 40 8.66 4.34 9.12
C PHE B 40 9.33 5.67 9.29
N ARG B 41 8.66 6.53 10.06
CA ARG B 41 9.22 7.87 10.31
C ARG B 41 10.60 7.79 10.91
N LYS B 42 10.83 6.81 11.74
CA LYS B 42 12.10 6.62 12.40
C LYS B 42 13.18 5.84 11.63
N THR B 43 12.82 4.94 10.72
CA THR B 43 13.84 4.10 10.05
C THR B 43 13.83 4.19 8.56
N GLY B 44 12.77 4.77 7.96
CA GLY B 44 12.70 4.74 6.49
C GLY B 44 12.20 3.42 5.92
N LYS B 45 11.86 2.43 6.80
CA LYS B 45 11.45 1.11 6.32
C LYS B 45 10.01 0.84 6.71
N LEU B 46 9.16 0.67 5.72
CA LEU B 46 7.70 0.41 5.98
C LEU B 46 7.52 -1.07 6.13
N VAL B 47 7.23 -1.55 7.37
CA VAL B 47 7.15 -3.00 7.59
C VAL B 47 5.84 -3.33 8.25
N SER B 48 5.07 -4.18 7.58
CA SER B 48 3.78 -4.58 8.16
C SER B 48 3.99 -5.31 9.50
N LEU B 49 3.16 -4.91 10.51
CA LEU B 49 3.23 -5.46 11.87
C LEU B 49 2.17 -6.48 12.15
N SER B 50 2.44 -7.34 13.13
CA SER B 50 1.53 -8.45 13.40
C SER B 50 0.31 -8.20 14.26
N GLU B 51 -0.89 -8.09 13.63
CA GLU B 51 -2.09 -8.02 14.46
C GLU B 51 -2.30 -9.30 15.24
N GLN B 52 -1.87 -10.44 14.66
CA GLN B 52 -2.10 -11.67 15.40
C GLN B 52 -1.29 -11.72 16.69
N ASN B 53 -0.07 -11.13 16.68
CA ASN B 53 0.78 -11.05 17.89
C ASN B 53 0.00 -10.25 18.95
N LEU B 54 -0.70 -9.16 18.53
CA LEU B 54 -1.49 -8.39 19.49
C LEU B 54 -2.70 -9.14 20.02
N VAL B 55 -3.44 -9.84 19.12
CA VAL B 55 -4.63 -10.59 19.53
C VAL B 55 -4.23 -11.68 20.51
N ASP B 56 -3.17 -12.44 20.19
CA ASP B 56 -2.80 -13.59 21.04
C ASP B 56 -2.13 -13.28 22.34
N CYS B 57 -1.44 -12.13 22.40
CA CYS B 57 -0.55 -11.85 23.51
C CYS B 57 -0.88 -10.72 24.44
N SER B 58 -1.88 -9.88 24.14
CA SER B 58 -2.07 -8.72 25.00
C SER B 58 -3.18 -8.76 25.98
N ARG B 59 -3.62 -9.97 26.34
CA ARG B 59 -4.67 -10.06 27.37
C ARG B 59 -4.20 -9.46 28.69
N PRO B 60 -2.93 -9.65 29.07
CA PRO B 60 -2.53 -9.03 30.35
C PRO B 60 -2.74 -7.55 30.46
N GLN B 61 -2.64 -6.82 29.33
CA GLN B 61 -2.83 -5.42 29.31
C GLN B 61 -4.31 -5.01 29.22
N GLY B 62 -5.19 -5.98 29.18
CA GLY B 62 -6.61 -5.67 29.17
C GLY B 62 -7.37 -5.86 27.86
N ASN B 63 -6.66 -6.38 26.84
CA ASN B 63 -7.34 -6.62 25.56
C ASN B 63 -8.02 -7.99 25.60
N GLN B 64 -9.01 -8.18 24.73
CA GLN B 64 -9.75 -9.44 24.71
C GLN B 64 -9.70 -10.14 23.38
N GLY B 65 -8.56 -10.03 22.68
CA GLY B 65 -8.40 -10.75 21.44
C GLY B 65 -9.41 -10.45 20.36
N CYS B 66 -10.12 -11.47 19.92
CA CYS B 66 -11.13 -11.33 18.88
C CYS B 66 -12.47 -10.79 19.46
N ASN B 67 -12.50 -10.57 20.76
CA ASN B 67 -13.68 -9.99 21.37
C ASN B 67 -13.47 -8.59 21.77
N GLY B 68 -12.54 -7.89 21.12
CA GLY B 68 -12.41 -6.46 21.49
C GLY B 68 -11.10 -6.11 22.18
N GLY B 69 -10.86 -4.80 22.22
CA GLY B 69 -9.58 -4.36 22.78
C GLY B 69 -9.46 -2.87 22.57
N PHE B 70 -8.33 -2.31 22.92
CA PHE B 70 -8.08 -0.89 22.83
C PHE B 70 -6.68 -0.58 22.30
N MET B 71 -6.58 0.41 21.39
CA MET B 71 -5.25 0.70 20.83
C MET B 71 -4.26 1.09 21.91
N ALA B 72 -4.72 1.85 22.93
CA ALA B 72 -3.74 2.16 23.97
C ALA B 72 -3.22 0.95 24.68
N ARG B 73 -4.05 -0.10 24.91
CA ARG B 73 -3.56 -1.27 25.59
C ARG B 73 -2.59 -2.01 24.68
N ALA B 74 -2.80 -1.94 23.33
CA ALA B 74 -1.79 -2.52 22.43
C ALA B 74 -0.45 -1.84 22.56
N PHE B 75 -0.44 -0.50 22.54
CA PHE B 75 0.83 0.22 22.67
C PHE B 75 1.44 -0.06 24.02
N GLN B 76 0.61 -0.25 25.07
CA GLN B 76 1.16 -0.64 26.39
C GLN B 76 1.79 -2.03 26.33
N TYR B 77 1.15 -2.99 25.59
CA TYR B 77 1.76 -4.30 25.44
C TYR B 77 3.11 -4.22 24.76
N VAL B 78 3.20 -3.42 23.67
CA VAL B 78 4.48 -3.43 22.96
C VAL B 78 5.56 -2.92 23.86
N LYS B 79 5.19 -1.95 24.67
CA LYS B 79 6.14 -1.33 25.64
C LYS B 79 6.54 -2.34 26.69
N GLU B 80 5.57 -3.00 27.33
CA GLU B 80 5.94 -3.98 28.36
C GLU B 80 6.63 -5.23 27.85
N ASN B 81 6.24 -5.71 26.62
CA ASN B 81 6.86 -6.82 26.01
C ASN B 81 8.24 -6.55 25.42
N GLY B 82 8.59 -5.30 25.15
CA GLY B 82 9.90 -5.03 24.59
C GLY B 82 9.93 -5.22 23.08
N GLY B 83 8.77 -5.51 22.47
CA GLY B 83 8.81 -5.69 21.02
C GLY B 83 7.46 -6.05 20.43
N LEU B 84 7.42 -6.12 19.11
CA LEU B 84 6.22 -6.54 18.33
C LEU B 84 6.77 -7.15 17.04
N ASP B 85 6.36 -8.38 16.76
CA ASP B 85 6.79 -9.13 15.56
C ASP B 85 6.18 -8.65 14.28
N SER B 86 6.90 -8.90 13.17
CA SER B 86 6.37 -8.54 11.84
C SER B 86 5.18 -9.45 11.44
N GLU B 87 4.29 -8.96 10.54
CA GLU B 87 3.21 -9.77 10.03
C GLU B 87 3.81 -11.00 9.36
N GLU B 88 4.95 -10.81 8.63
CA GLU B 88 5.58 -11.91 7.92
C GLU B 88 5.95 -13.04 8.84
N SER B 89 6.44 -12.72 9.98
CA SER B 89 6.84 -13.75 10.95
C SER B 89 5.70 -14.30 11.79
N TYR B 90 4.57 -13.56 11.90
CA TYR B 90 3.47 -13.94 12.83
C TYR B 90 2.19 -13.60 12.08
N PRO B 91 1.79 -14.43 11.16
CA PRO B 91 0.60 -14.17 10.33
C PRO B 91 -0.75 -14.15 10.97
N TYR B 92 -1.63 -13.40 10.33
CA TYR B 92 -2.99 -13.23 10.83
C TYR B 92 -3.88 -14.33 10.41
N VAL B 93 -4.61 -14.90 11.37
CA VAL B 93 -5.56 -15.98 11.07
C VAL B 93 -6.97 -15.69 11.58
N ALA B 94 -7.22 -14.48 12.19
CA ALA B 94 -8.59 -14.09 12.58
C ALA B 94 -9.28 -14.96 13.60
N VAL B 95 -8.46 -15.60 14.44
CA VAL B 95 -9.02 -16.43 15.56
C VAL B 95 -8.10 -16.24 16.73
N ASP B 96 -8.57 -16.44 17.94
N ASP B 96 -8.59 -16.47 17.91
CA ASP B 96 -7.74 -16.30 19.11
CA ASP B 96 -7.79 -16.35 19.10
C ASP B 96 -6.82 -17.48 19.28
C ASP B 96 -6.85 -17.51 19.29
N GLU B 97 -5.55 -17.29 19.33
CA GLU B 97 -4.61 -18.41 19.52
C GLU B 97 -3.62 -18.14 20.63
N ILE B 98 -2.81 -19.16 20.94
CA ILE B 98 -1.78 -19.03 21.99
C ILE B 98 -0.66 -18.12 21.54
N CYS B 99 -0.17 -17.26 22.45
CA CYS B 99 0.94 -16.32 22.20
C CYS B 99 2.14 -17.02 21.67
N LYS B 100 2.67 -16.52 20.54
CA LYS B 100 3.88 -17.11 19.93
C LYS B 100 4.93 -16.07 19.72
N TYR B 101 4.86 -14.99 20.49
CA TYR B 101 5.85 -13.94 20.29
C TYR B 101 7.28 -14.39 20.44
N ARG B 102 8.12 -14.00 19.48
CA ARG B 102 9.55 -14.25 19.56
C ARG B 102 10.31 -12.94 19.44
N PRO B 103 11.16 -12.56 20.40
CA PRO B 103 11.92 -11.31 20.28
C PRO B 103 12.82 -11.19 19.06
N GLU B 104 13.36 -12.29 18.56
CA GLU B 104 14.25 -12.20 17.39
C GLU B 104 13.47 -11.72 16.18
N ASN B 105 12.13 -11.89 16.22
CA ASN B 105 11.34 -11.46 15.07
C ASN B 105 10.75 -10.10 15.25
N SER B 106 11.10 -9.44 16.35
CA SER B 106 10.54 -8.10 16.58
C SER B 106 11.07 -7.08 15.59
N VAL B 107 10.20 -6.19 15.10
CA VAL B 107 10.65 -5.13 14.20
C VAL B 107 10.12 -3.80 14.67
N ALA B 108 9.52 -3.75 15.88
CA ALA B 108 8.99 -2.50 16.35
C ALA B 108 9.08 -2.38 17.84
N GLN B 109 9.21 -1.14 18.33
CA GLN B 109 9.25 -0.94 19.80
C GLN B 109 8.60 0.36 20.12
N ASP B 110 8.00 0.48 21.32
CA ASP B 110 7.54 1.80 21.69
C ASP B 110 7.77 1.99 23.17
N THR B 111 7.72 3.24 23.59
CA THR B 111 7.97 3.58 25.00
C THR B 111 6.75 4.04 25.72
N GLY B 112 5.60 3.90 25.08
CA GLY B 112 4.38 4.45 25.68
C GLY B 112 3.53 5.02 24.58
N PHE B 113 2.59 5.92 24.92
CA PHE B 113 1.74 6.53 23.88
C PHE B 113 1.29 7.88 24.27
N THR B 114 0.89 8.66 23.29
CA THR B 114 0.39 10.01 23.51
C THR B 114 -1.07 10.04 23.18
N VAL B 115 -1.85 10.70 24.03
CA VAL B 115 -3.26 10.85 23.85
C VAL B 115 -3.59 12.24 23.33
N VAL B 116 -4.38 12.34 22.24
CA VAL B 116 -4.82 13.61 21.74
C VAL B 116 -5.93 14.14 22.62
N ALA B 117 -5.94 15.51 22.91
CA ALA B 117 -6.96 16.08 23.76
C ALA B 117 -8.33 15.57 23.32
N PRO B 118 -9.04 14.90 24.22
CA PRO B 118 -10.36 14.36 23.87
C PRO B 118 -11.38 15.35 23.34
N GLY B 119 -11.98 14.98 22.19
CA GLY B 119 -13.06 15.77 21.59
C GLY B 119 -12.58 16.95 20.78
N LYS B 120 -11.27 17.16 20.69
CA LYS B 120 -10.81 18.35 19.97
C LYS B 120 -10.32 18.05 18.57
N GLU B 121 -11.19 18.27 17.59
CA GLU B 121 -10.75 18.03 16.22
C GLU B 121 -9.57 18.91 15.80
N LYS B 122 -9.36 20.10 16.42
CA LYS B 122 -8.15 20.76 16.00
C LYS B 122 -6.87 20.21 16.63
N ALA B 123 -6.93 19.53 17.80
CA ALA B 123 -5.70 18.93 18.31
C ALA B 123 -5.40 17.75 17.40
N LEU B 124 -6.48 17.05 16.98
CA LEU B 124 -6.25 15.88 16.10
C LEU B 124 -5.69 16.35 14.77
N MET B 125 -6.21 17.47 14.25
CA MET B 125 -5.68 17.95 12.96
C MET B 125 -4.19 18.26 13.10
N LYS B 126 -3.82 18.84 14.25
CA LYS B 126 -2.43 19.15 14.50
C LYS B 126 -1.59 17.91 14.60
N ALA B 127 -2.14 16.83 15.22
CA ALA B 127 -1.29 15.67 15.33
C ALA B 127 -1.13 14.98 13.98
N VAL B 128 -2.24 14.92 13.22
CA VAL B 128 -2.15 14.27 11.93
C VAL B 128 -1.10 14.98 11.07
N ALA B 129 -1.12 16.32 11.13
CA ALA B 129 -0.10 17.11 10.36
C ALA B 129 1.33 16.95 10.81
N THR B 130 1.57 16.78 12.13
CA THR B 130 2.94 16.76 12.62
C THR B 130 3.51 15.42 13.02
N VAL B 131 2.67 14.41 13.26
CA VAL B 131 3.19 13.15 13.72
C VAL B 131 3.17 12.05 12.68
N GLY B 132 2.06 11.97 11.96
CA GLY B 132 1.85 10.85 11.05
C GLY B 132 0.45 10.29 11.28
N PRO B 133 0.16 9.06 10.80
CA PRO B 133 -1.18 8.46 10.99
C PRO B 133 -1.51 8.31 12.47
N ILE B 134 -2.79 8.50 12.83
CA ILE B 134 -3.19 8.48 14.23
C ILE B 134 -4.28 7.43 14.45
N SER B 135 -4.14 6.64 15.54
CA SER B 135 -5.20 5.69 15.86
C SER B 135 -6.41 6.40 16.41
N VAL B 136 -7.58 6.07 15.98
CA VAL B 136 -8.82 6.65 16.52
C VAL B 136 -9.95 5.67 16.66
N ALA B 137 -10.88 5.95 17.61
CA ALA B 137 -12.08 5.13 17.73
C ALA B 137 -13.23 5.86 17.08
N MET B 138 -14.27 5.12 16.66
CA MET B 138 -15.41 5.75 16.03
C MET B 138 -16.66 4.90 16.19
N ASP B 139 -17.82 5.49 15.93
CA ASP B 139 -19.08 4.76 15.89
C ASP B 139 -19.30 4.30 14.46
N ALA B 140 -19.00 3.00 14.21
CA ALA B 140 -19.22 2.41 12.88
C ALA B 140 -20.49 1.60 12.89
N GLY B 141 -21.34 1.83 13.90
CA GLY B 141 -22.55 1.02 14.08
C GLY B 141 -23.75 1.33 13.24
N HIS B 142 -23.57 1.66 11.96
CA HIS B 142 -24.71 1.99 11.13
C HIS B 142 -24.62 1.37 9.75
N SER B 143 -25.81 1.06 9.17
CA SER B 143 -25.84 0.53 7.84
C SER B 143 -25.21 1.43 6.83
N SER B 144 -25.33 2.76 7.02
CA SER B 144 -24.76 3.71 6.08
C SER B 144 -23.24 3.57 5.99
N PHE B 145 -22.60 3.17 7.10
CA PHE B 145 -21.15 2.93 7.12
C PHE B 145 -20.83 1.61 6.45
N GLN B 146 -21.59 0.56 6.83
CA GLN B 146 -21.32 -0.74 6.21
C GLN B 146 -21.44 -0.67 4.69
N PHE B 147 -22.33 0.21 4.16
CA PHE B 147 -22.52 0.22 2.69
C PHE B 147 -21.99 1.47 2.06
N TYR B 148 -21.09 2.10 2.76
CA TYR B 148 -20.44 3.30 2.31
C TYR B 148 -19.71 3.06 1.01
N LYS B 149 -19.81 4.04 0.06
CA LYS B 149 -19.08 3.82 -1.20
C LYS B 149 -18.14 4.98 -1.54
N SER B 150 -18.61 6.24 -1.43
CA SER B 150 -17.67 7.30 -1.77
C SER B 150 -18.17 8.56 -1.15
N GLY B 151 -17.44 9.65 -1.28
CA GLY B 151 -17.96 10.89 -0.75
C GLY B 151 -17.67 11.11 0.71
N ILE B 152 -18.20 12.22 1.24
CA ILE B 152 -17.99 12.51 2.66
C ILE B 152 -19.03 11.86 3.47
N TYR B 153 -18.63 10.94 4.32
CA TYR B 153 -19.57 10.25 5.22
C TYR B 153 -20.16 11.13 6.32
N PHE B 154 -21.49 11.15 6.40
CA PHE B 154 -22.17 11.91 7.47
C PHE B 154 -23.41 11.12 7.80
N GLU B 155 -23.55 10.71 9.03
CA GLU B 155 -24.67 9.93 9.49
C GLU B 155 -25.27 10.63 10.69
N PRO B 156 -26.49 11.09 10.55
CA PRO B 156 -27.14 11.78 11.67
C PRO B 156 -27.25 11.02 12.95
N ASP B 157 -27.37 9.69 12.86
CA ASP B 157 -27.50 8.89 14.09
C ASP B 157 -26.14 8.56 14.69
N CYS B 158 -25.01 9.08 14.09
CA CYS B 158 -23.68 8.77 14.62
C CYS B 158 -23.47 9.35 16.02
N SER B 159 -22.80 8.60 16.88
CA SER B 159 -22.47 9.04 18.21
C SER B 159 -21.03 9.45 18.35
N SER B 160 -20.79 10.61 19.02
CA SER B 160 -19.40 10.95 19.31
C SER B 160 -18.87 10.38 20.61
N LYS B 161 -19.68 9.64 21.38
CA LYS B 161 -19.21 9.07 22.64
C LYS B 161 -19.36 7.57 22.73
N ASN B 162 -20.34 7.01 22.04
CA ASN B 162 -20.56 5.54 22.12
C ASN B 162 -19.88 4.95 20.91
N LEU B 163 -18.63 4.49 21.09
CA LEU B 163 -17.79 4.02 19.98
C LEU B 163 -17.57 2.52 19.97
N ASP B 164 -17.47 1.94 18.76
CA ASP B 164 -17.31 0.50 18.70
C ASP B 164 -16.30 0.06 17.66
N HIS B 165 -15.46 0.95 17.18
CA HIS B 165 -14.55 0.51 16.10
C HIS B 165 -13.28 1.30 16.05
N GLY B 166 -12.14 0.60 15.91
CA GLY B 166 -10.86 1.31 15.82
C GLY B 166 -10.39 1.42 14.38
N VAL B 167 -9.90 2.60 13.99
CA VAL B 167 -9.48 2.87 12.60
C VAL B 167 -8.24 3.79 12.64
N LEU B 168 -7.78 4.22 11.45
CA LEU B 168 -6.54 4.95 11.42
C LEU B 168 -6.75 6.19 10.61
N VAL B 169 -6.44 7.38 11.20
CA VAL B 169 -6.59 8.56 10.36
C VAL B 169 -5.24 8.76 9.67
N VAL B 170 -5.23 8.76 8.30
CA VAL B 170 -3.96 8.94 7.57
C VAL B 170 -3.87 10.29 6.90
N GLY B 171 -4.85 11.14 7.13
CA GLY B 171 -4.81 12.47 6.53
C GLY B 171 -6.10 13.23 6.69
N TYR B 172 -6.19 14.38 6.01
CA TYR B 172 -7.43 15.13 6.01
C TYR B 172 -7.43 16.02 4.79
N GLY B 173 -8.56 16.52 4.45
CA GLY B 173 -8.62 17.40 3.28
C GLY B 173 -9.99 18.02 3.11
N PHE B 174 -10.28 18.41 1.87
CA PHE B 174 -11.54 19.07 1.56
C PHE B 174 -11.89 18.82 0.10
N GLU B 175 -13.22 18.75 -0.17
CA GLU B 175 -13.73 18.64 -1.52
C GLU B 175 -14.01 20.04 -1.98
N GLY B 176 -13.99 20.28 -3.26
CA GLY B 176 -14.22 21.64 -3.72
C GLY B 176 -12.98 22.52 -3.80
N ALA B 177 -13.19 23.83 -3.98
CA ALA B 177 -12.06 24.75 -4.12
C ALA B 177 -11.77 25.51 -2.83
N ASN B 178 -12.78 25.60 -1.95
CA ASN B 178 -12.55 26.31 -0.71
C ASN B 178 -12.09 25.35 0.33
N SER B 179 -10.92 25.64 0.90
CA SER B 179 -10.23 24.80 1.86
C SER B 179 -10.96 24.70 3.18
N GLN B 180 -12.06 25.45 3.34
CA GLN B 180 -12.81 25.38 4.59
C GLN B 180 -14.21 24.83 4.52
N ASN B 181 -14.67 24.31 3.40
CA ASN B 181 -16.01 23.72 3.56
C ASN B 181 -15.90 22.38 2.97
N SER B 182 -16.79 21.46 3.35
CA SER B 182 -16.67 20.12 2.84
C SER B 182 -15.37 19.49 3.27
N LYS B 183 -15.05 19.59 4.54
CA LYS B 183 -13.79 19.05 5.05
C LYS B 183 -13.93 17.61 5.48
N TYR B 184 -12.84 16.88 5.49
CA TYR B 184 -12.97 15.46 5.89
C TYR B 184 -11.69 14.91 6.41
N TRP B 185 -11.84 13.81 7.19
CA TRP B 185 -10.70 13.05 7.70
C TRP B 185 -10.55 11.89 6.74
N LEU B 186 -9.32 11.51 6.42
CA LEU B 186 -9.05 10.40 5.51
C LEU B 186 -8.76 9.20 6.42
N VAL B 187 -9.65 8.17 6.37
CA VAL B 187 -9.54 7.03 7.29
C VAL B 187 -9.32 5.69 6.62
N LYS B 188 -8.32 4.99 7.09
CA LYS B 188 -8.02 3.61 6.65
C LYS B 188 -8.83 2.68 7.50
N ASN B 189 -9.64 1.81 6.88
CA ASN B 189 -10.40 0.82 7.64
C ASN B 189 -9.66 -0.52 7.53
N SER B 190 -10.14 -1.54 8.22
CA SER B 190 -9.53 -2.89 8.14
C SER B 190 -10.59 -3.93 7.74
N TRP B 191 -11.43 -3.61 6.73
CA TRP B 191 -12.44 -4.51 6.22
C TRP B 191 -12.11 -4.94 4.82
N GLY B 192 -10.80 -4.88 4.48
CA GLY B 192 -10.34 -5.27 3.11
C GLY B 192 -10.58 -4.14 2.12
N PRO B 193 -9.90 -4.21 0.95
CA PRO B 193 -10.02 -3.20 -0.09
C PRO B 193 -11.37 -3.22 -0.82
N GLU B 194 -12.18 -4.25 -0.64
CA GLU B 194 -13.45 -4.27 -1.34
C GLU B 194 -14.54 -3.47 -0.65
N TRP B 195 -14.30 -3.07 0.61
CA TRP B 195 -15.28 -2.24 1.33
C TRP B 195 -15.03 -0.80 1.13
N GLY B 196 -16.08 0.04 1.07
CA GLY B 196 -15.81 1.46 1.05
C GLY B 196 -15.16 1.90 -0.23
N SER B 197 -14.36 2.92 -0.10
CA SER B 197 -13.61 3.49 -1.20
C SER B 197 -12.24 2.83 -1.20
N ASN B 198 -12.22 1.61 -1.70
CA ASN B 198 -11.04 0.73 -1.76
C ASN B 198 -10.42 0.64 -0.40
N GLY B 199 -11.27 0.50 0.63
CA GLY B 199 -10.70 0.31 1.96
C GLY B 199 -10.62 1.53 2.84
N TYR B 200 -10.85 2.69 2.22
CA TYR B 200 -10.81 3.97 2.94
C TYR B 200 -12.16 4.63 2.95
N VAL B 201 -12.30 5.60 3.83
CA VAL B 201 -13.50 6.45 3.95
C VAL B 201 -13.10 7.87 4.35
N LYS B 202 -13.86 8.86 3.81
CA LYS B 202 -13.71 10.27 4.13
C LYS B 202 -14.80 10.52 5.17
N ILE B 203 -14.45 10.90 6.39
CA ILE B 203 -15.52 11.19 7.40
C ILE B 203 -15.65 12.66 7.60
N ALA B 204 -16.89 13.18 7.70
CA ALA B 204 -17.04 14.66 7.89
C ALA B 204 -16.12 15.20 8.99
N LYS B 205 -15.40 16.35 8.69
CA LYS B 205 -14.46 16.95 9.64
C LYS B 205 -14.96 18.32 10.09
N ASP B 206 -14.75 18.63 11.37
CA ASP B 206 -15.21 19.90 11.97
C ASP B 206 -16.71 20.02 11.95
N LYS B 207 -17.39 18.85 12.14
CA LYS B 207 -18.83 18.78 12.17
C LYS B 207 -19.20 18.15 13.50
N ASN B 208 -18.78 18.85 14.56
CA ASN B 208 -19.04 18.51 15.98
C ASN B 208 -18.51 17.13 16.36
N ASN B 209 -17.28 16.84 15.93
CA ASN B 209 -16.59 15.57 16.25
C ASN B 209 -17.43 14.40 15.77
N HIS B 210 -17.73 14.39 14.47
CA HIS B 210 -18.61 13.37 13.91
C HIS B 210 -18.14 11.95 14.04
N CYS B 211 -19.08 11.09 14.48
CA CYS B 211 -18.81 9.71 14.79
C CYS B 211 -17.70 9.52 15.85
N GLY B 212 -17.29 10.58 16.64
CA GLY B 212 -16.32 10.35 17.69
C GLY B 212 -14.88 10.28 17.22
N ILE B 213 -14.56 10.74 15.97
CA ILE B 213 -13.16 10.56 15.52
C ILE B 213 -12.11 11.18 16.43
N ALA B 214 -12.41 12.31 17.14
CA ALA B 214 -11.43 12.90 18.07
C ALA B 214 -11.68 12.52 19.53
N THR B 215 -12.63 11.58 19.82
CA THR B 215 -12.89 11.28 21.21
C THR B 215 -11.79 10.52 21.91
N ALA B 216 -11.11 9.52 21.21
CA ALA B 216 -10.10 8.69 21.82
C ALA B 216 -9.01 8.45 20.81
N ALA B 217 -8.36 9.51 20.39
CA ALA B 217 -7.23 9.41 19.46
C ALA B 217 -5.94 9.24 20.20
N SER B 218 -5.01 8.43 19.65
CA SER B 218 -3.70 8.26 20.24
C SER B 218 -2.67 7.77 19.25
N TYR B 219 -1.39 7.83 19.63
CA TYR B 219 -0.32 7.31 18.78
C TYR B 219 0.83 6.85 19.63
N PRO B 220 1.60 5.83 19.22
CA PRO B 220 2.73 5.33 19.97
C PRO B 220 3.93 6.23 19.95
N ASN B 221 4.69 6.23 21.05
CA ASN B 221 5.96 7.00 21.06
C ASN B 221 7.11 6.07 20.74
N VAL B 222 7.81 6.27 19.57
CA VAL B 222 8.92 5.37 19.21
C VAL B 222 10.29 6.05 19.42
N ALA C 1 -0.06 1.39 -21.89
CA ALA C 1 -1.32 2.01 -22.15
C ALA C 1 -1.54 3.20 -21.24
N VAL C 2 -2.36 4.19 -21.69
CA VAL C 2 -2.63 5.35 -20.88
C VAL C 2 -4.04 5.27 -20.40
N ALA C 3 -4.32 5.87 -19.29
CA ALA C 3 -5.67 5.96 -18.73
C ALA C 3 -6.53 6.79 -19.67
N GLU C 4 -7.75 6.37 -19.91
CA GLU C 4 -8.61 7.17 -20.80
C GLU C 4 -9.08 8.39 -20.11
N LYS C 5 -9.03 9.50 -20.84
CA LYS C 5 -9.43 10.79 -20.31
C LYS C 5 -10.83 11.14 -20.78
N ALA D 1 -15.55 -2.99 15.29
CA ALA D 1 -16.72 -3.61 14.63
C ALA D 1 -16.26 -4.46 13.46
N VAL D 2 -17.07 -5.45 13.12
CA VAL D 2 -16.76 -6.27 11.95
C VAL D 2 -17.63 -5.90 10.79
N ALA D 3 -17.15 -6.19 9.55
CA ALA D 3 -17.94 -5.91 8.36
C ALA D 3 -19.16 -6.81 8.36
N GLU D 4 -20.30 -6.24 7.98
CA GLU D 4 -21.55 -7.00 7.93
C GLU D 4 -21.54 -8.04 6.85
N LYS D 5 -20.84 -7.75 5.73
CA LYS D 5 -20.83 -8.68 4.63
C LYS D 5 -19.44 -9.32 4.54
N GLN D 6 -19.41 -10.62 4.73
CA GLN D 6 -18.13 -11.35 4.68
C GLN D 6 -18.09 -12.43 3.60
CL CL E . 2.46 3.22 -21.96
C1 MPD F . 6.38 -2.41 -24.71
C2 MPD F . 5.36 -2.61 -23.60
O2 MPD F . 6.05 -2.93 -22.40
CM MPD F . 4.44 -3.76 -23.94
C3 MPD F . 4.55 -1.31 -23.42
C4 MPD F . 5.29 0.02 -23.67
O4 MPD F . 5.52 0.20 -25.07
C5 MPD F . 4.48 1.18 -23.18
C1 MPD G . 9.31 6.89 -1.78
C2 MPD G . 9.26 7.80 -0.57
O2 MPD G . 9.94 9.02 -0.90
CM MPD G . 7.84 8.12 -0.18
C3 MPD G . 10.02 7.11 0.55
C4 MPD G . 11.14 7.91 1.08
O4 MPD G . 10.56 9.10 1.61
C5 MPD G . 11.86 7.09 2.10
C1 MPD H . 22.72 17.88 -17.94
C2 MPD H . 23.10 19.17 -18.67
O2 MPD H . 22.76 20.29 -17.86
CM MPD H . 24.59 19.19 -18.97
C3 MPD H . 22.30 19.31 -19.94
C4 MPD H . 22.45 18.26 -20.98
O4 MPD H . 21.65 18.70 -22.06
C5 MPD H . 23.89 18.11 -21.43
CL CL I . 10.90 -5.52 -21.58
CL CL J . -13.48 -4.99 16.30
NA NA K . -14.83 23.61 -0.30
C1 MPD L . -12.19 -0.26 22.03
C2 MPD L . -12.61 0.19 20.69
O2 MPD L . -11.59 0.99 20.11
CM MPD L . -13.83 1.02 20.84
C3 MPD L . -12.88 -0.97 19.73
C4 MPD L . -13.74 -2.13 20.15
O4 MPD L . -12.92 -3.25 20.49
C5 MPD L . -14.89 -1.96 21.11
#